data_3VGN
#
_entry.id   3VGN
#
_cell.length_a   35.483
_cell.length_b   72.315
_cell.length_c   95.282
_cell.angle_alpha   90.00
_cell.angle_beta   90.00
_cell.angle_gamma   90.00
#
_symmetry.space_group_name_H-M   'P 21 21 21'
#
loop_
_entity.id
_entity.type
_entity.pdbx_description
1 polymer 'Steroid Delta-isomerase'
2 non-polymer 3-fluoro-4-nitrophenol
3 water water
#
_entity_poly.entity_id   1
_entity_poly.type   'polypeptide(L)'
_entity_poly.pdbx_seq_one_letter_code
;MNLPTAQEVQGLMARYIELVDVGDIEAIVQMYADDATVENPFGQPPIHGREQIAAFYRQGLGGGKVRACLTGPVRASHNG
CGAMPFRVEMVWNGQPCALDVIDVMRFDEHGRIQTMQAYWSEVNLSVREPQ
;
_entity_poly.pdbx_strand_id   A,B
#
loop_
_chem_comp.id
_chem_comp.type
_chem_comp.name
_chem_comp.formula
FNN non-polymer 3-fluoro-4-nitrophenol 'C6 H4 F N O3'
#
# COMPACT_ATOMS: atom_id res chain seq x y z
N MET A 1 -16.29 -13.81 -13.17
CA MET A 1 -15.77 -12.50 -12.70
C MET A 1 -15.68 -11.50 -13.83
N ASN A 2 -16.16 -10.30 -13.58
CA ASN A 2 -15.87 -9.16 -14.42
C ASN A 2 -14.82 -8.32 -13.68
N LEU A 3 -14.66 -7.05 -14.00
CA LEU A 3 -13.79 -6.20 -13.20
C LEU A 3 -14.26 -6.31 -11.74
N PRO A 4 -13.35 -6.67 -10.81
CA PRO A 4 -13.94 -6.94 -9.48
C PRO A 4 -14.45 -5.64 -8.84
N THR A 5 -15.58 -5.74 -8.14
CA THR A 5 -16.06 -4.63 -7.30
C THR A 5 -15.13 -4.48 -6.09
N ALA A 6 -15.31 -3.41 -5.34
CA ALA A 6 -14.47 -3.19 -4.13
C ALA A 6 -14.54 -4.42 -3.20
N GLN A 7 -15.74 -4.96 -3.03
CA GLN A 7 -15.90 -6.13 -2.18
CA GLN A 7 -15.93 -6.13 -2.19
C GLN A 7 -15.19 -7.33 -2.79
N GLU A 8 -15.27 -7.47 -4.11
CA GLU A 8 -14.61 -8.59 -4.75
C GLU A 8 -13.10 -8.47 -4.67
N VAL A 9 -12.58 -7.25 -4.80
CA VAL A 9 -11.15 -7.03 -4.63
C VAL A 9 -10.71 -7.44 -3.22
N GLN A 10 -11.46 -7.08 -2.21
CA GLN A 10 -11.12 -7.47 -0.86
CA GLN A 10 -11.15 -7.48 -0.85
C GLN A 10 -11.05 -8.99 -0.75
N GLY A 11 -12.03 -9.69 -1.34
CA GLY A 11 -12.00 -11.12 -1.26
C GLY A 11 -10.82 -11.71 -2.00
N LEU A 12 -10.53 -11.22 -3.21
CA LEU A 12 -9.42 -11.78 -4.00
C LEU A 12 -8.07 -11.58 -3.34
N MET A 13 -7.86 -10.40 -2.79
CA MET A 13 -6.54 -10.07 -2.25
C MET A 13 -6.35 -10.82 -0.96
N ALA A 14 -7.42 -10.99 -0.19
CA ALA A 14 -7.35 -11.84 0.99
C ALA A 14 -7.09 -13.33 0.61
N ARG A 15 -7.71 -13.81 -0.47
CA ARG A 15 -7.51 -15.21 -0.94
C ARG A 15 -6.05 -15.36 -1.33
N TYR A 16 -5.51 -14.37 -2.04
CA TYR A 16 -4.08 -14.43 -2.43
C TYR A 16 -3.20 -14.68 -1.18
N ILE A 17 -3.41 -13.92 -0.11
CA ILE A 17 -2.61 -14.13 1.07
C ILE A 17 -2.79 -15.54 1.65
N GLU A 18 -4.03 -16.06 1.62
CA GLU A 18 -4.31 -17.40 2.15
CA GLU A 18 -4.36 -17.40 2.11
C GLU A 18 -3.52 -18.42 1.32
N LEU A 19 -3.40 -18.18 0.01
CA LEU A 19 -2.68 -19.09 -0.85
C LEU A 19 -1.18 -19.02 -0.69
N VAL A 20 -0.66 -17.82 -0.43
CA VAL A 20 0.76 -17.71 -0.09
C VAL A 20 1.01 -18.45 1.24
N ASP A 21 0.15 -18.23 2.21
CA ASP A 21 0.30 -18.85 3.50
C ASP A 21 0.26 -20.41 3.42
N VAL A 22 -0.65 -20.96 2.60
CA VAL A 22 -0.77 -22.44 2.47
C VAL A 22 0.33 -22.97 1.51
N GLY A 23 0.94 -22.09 0.70
CA GLY A 23 2.01 -22.48 -0.18
C GLY A 23 1.59 -23.11 -1.51
N ASP A 24 0.39 -22.76 -1.97
CA ASP A 24 -0.13 -23.32 -3.19
C ASP A 24 0.24 -22.50 -4.45
N ILE A 25 1.42 -22.83 -4.98
CA ILE A 25 2.02 -22.10 -6.10
C ILE A 25 1.08 -22.09 -7.30
N GLU A 26 0.55 -23.27 -7.68
CA GLU A 26 -0.35 -23.30 -8.85
C GLU A 26 -1.59 -22.45 -8.66
N ALA A 27 -2.15 -22.49 -7.44
CA ALA A 27 -3.33 -21.70 -7.21
C ALA A 27 -3.01 -20.19 -7.24
N ILE A 28 -1.85 -19.81 -6.76
CA ILE A 28 -1.43 -18.40 -6.87
C ILE A 28 -1.27 -17.99 -8.29
N VAL A 29 -0.58 -18.81 -9.08
CA VAL A 29 -0.29 -18.43 -10.46
C VAL A 29 -1.58 -18.27 -11.26
N GLN A 30 -2.56 -19.13 -10.97
CA GLN A 30 -3.87 -19.10 -11.58
C GLN A 30 -4.63 -17.79 -11.34
N MET A 31 -4.28 -17.10 -10.25
CA MET A 31 -4.93 -15.81 -9.95
C MET A 31 -4.40 -14.69 -10.84
N TYR A 32 -3.22 -14.88 -11.43
CA TYR A 32 -2.64 -13.87 -12.27
C TYR A 32 -3.12 -13.99 -13.71
N ALA A 33 -3.23 -12.86 -14.40
CA ALA A 33 -3.44 -12.84 -15.85
C ALA A 33 -2.24 -13.50 -16.53
N ASP A 34 -2.45 -14.02 -17.72
CA ASP A 34 -1.40 -14.83 -18.37
C ASP A 34 -0.11 -14.02 -18.65
N ASP A 35 -0.28 -12.70 -18.86
CA ASP A 35 0.78 -11.77 -19.19
C ASP A 35 0.95 -10.74 -18.09
N ALA A 36 0.61 -11.10 -16.87
CA ALA A 36 0.75 -10.15 -15.76
C ALA A 36 2.18 -9.73 -15.49
N THR A 37 2.32 -8.65 -14.73
CA THR A 37 3.63 -8.31 -14.21
C THR A 37 3.65 -8.31 -12.67
N VAL A 38 4.83 -8.58 -12.15
CA VAL A 38 5.13 -8.49 -10.71
C VAL A 38 6.38 -7.61 -10.54
N GLU A 39 6.26 -6.61 -9.67
CA GLU A 39 7.43 -5.78 -9.29
C GLU A 39 7.72 -6.00 -7.83
N ASN A 40 8.78 -6.75 -7.55
CA ASN A 40 9.07 -7.17 -6.20
C ASN A 40 10.57 -7.13 -5.94
N PRO A 41 11.03 -6.22 -5.08
CA PRO A 41 10.28 -5.12 -4.47
C PRO A 41 9.96 -4.04 -5.49
N PHE A 42 8.94 -3.24 -5.23
CA PHE A 42 8.72 -2.06 -6.07
C PHE A 42 10.01 -1.24 -6.19
N GLY A 43 10.35 -0.85 -7.42
CA GLY A 43 11.62 -0.21 -7.64
C GLY A 43 12.50 -1.08 -8.51
N GLN A 44 12.28 -2.40 -8.49
CA GLN A 44 13.04 -3.28 -9.38
CA GLN A 44 13.03 -3.33 -9.35
C GLN A 44 12.27 -3.57 -10.67
N PRO A 45 12.97 -4.00 -11.73
CA PRO A 45 12.23 -4.19 -12.99
C PRO A 45 11.17 -5.30 -12.84
N PRO A 46 10.04 -5.16 -13.56
CA PRO A 46 9.02 -6.19 -13.50
C PRO A 46 9.47 -7.51 -14.10
N ILE A 47 8.88 -8.57 -13.56
CA ILE A 47 8.89 -9.85 -14.26
C ILE A 47 7.54 -9.95 -14.96
N HIS A 48 7.49 -10.81 -15.95
CA HIS A 48 6.38 -10.79 -16.87
CA HIS A 48 6.41 -10.79 -16.97
C HIS A 48 5.93 -12.18 -17.24
N GLY A 49 4.62 -12.42 -17.11
CA GLY A 49 3.98 -13.64 -17.56
C GLY A 49 3.97 -14.77 -16.54
N ARG A 50 3.08 -15.71 -16.75
CA ARG A 50 2.92 -16.77 -15.75
CA ARG A 50 2.92 -16.78 -15.75
C ARG A 50 4.15 -17.66 -15.53
N GLU A 51 4.93 -17.95 -16.58
CA GLU A 51 6.13 -18.76 -16.35
C GLU A 51 7.09 -18.07 -15.39
N GLN A 52 7.40 -16.80 -15.61
CA GLN A 52 8.31 -16.06 -14.74
CA GLN A 52 8.33 -16.12 -14.73
C GLN A 52 7.72 -15.87 -13.36
N ILE A 53 6.41 -15.60 -13.32
CA ILE A 53 5.75 -15.46 -12.02
C ILE A 53 5.77 -16.76 -11.19
N ALA A 54 5.48 -17.88 -11.85
CA ALA A 54 5.55 -19.16 -11.18
C ALA A 54 6.95 -19.40 -10.65
N ALA A 55 7.98 -19.06 -11.42
CA ALA A 55 9.35 -19.29 -10.93
C ALA A 55 9.62 -18.47 -9.66
N PHE A 56 9.08 -17.25 -9.59
CA PHE A 56 9.21 -16.43 -8.41
C PHE A 56 8.56 -17.10 -7.18
N TYR A 57 7.31 -17.52 -7.31
CA TYR A 57 6.62 -18.12 -6.16
C TYR A 57 7.26 -19.46 -5.77
N ARG A 58 7.78 -20.18 -6.75
CA ARG A 58 8.32 -21.50 -6.45
CA ARG A 58 8.36 -21.51 -6.53
C ARG A 58 9.62 -21.40 -5.68
N GLN A 59 10.48 -20.45 -6.04
N GLN A 59 10.49 -20.44 -6.01
CA GLN A 59 11.68 -20.15 -5.25
CA GLN A 59 11.61 -20.08 -5.15
C GLN A 59 11.36 -20.15 -3.76
C GLN A 59 11.07 -19.19 -4.04
N GLY A 60 10.31 -19.41 -3.39
N GLY A 60 10.61 -19.82 -2.97
CA GLY A 60 10.02 -19.17 -1.98
CA GLY A 60 9.97 -19.11 -1.88
C GLY A 60 9.07 -20.13 -1.28
C GLY A 60 8.93 -20.00 -1.22
N LEU A 61 8.09 -20.63 -2.03
CA LEU A 61 6.99 -21.41 -1.44
C LEU A 61 7.09 -22.91 -1.66
N GLY A 62 8.00 -23.34 -2.54
CA GLY A 62 8.04 -24.77 -2.90
C GLY A 62 8.24 -25.64 -1.68
N GLY A 63 9.24 -25.28 -0.88
CA GLY A 63 9.67 -26.19 0.18
C GLY A 63 9.95 -25.51 1.49
N GLY A 64 9.99 -24.18 1.48
CA GLY A 64 10.26 -23.44 2.72
C GLY A 64 9.08 -23.48 3.67
N LYS A 65 9.33 -23.52 4.98
CA LYS A 65 8.25 -23.18 5.90
C LYS A 65 7.99 -21.67 5.72
N VAL A 66 6.80 -21.32 5.26
CA VAL A 66 6.40 -19.91 5.05
C VAL A 66 5.00 -19.68 5.61
N ARG A 67 4.81 -18.60 6.35
CA ARG A 67 3.47 -18.23 6.71
CA ARG A 67 3.49 -18.20 6.79
C ARG A 67 3.27 -16.79 6.26
N ALA A 68 2.02 -16.44 6.01
CA ALA A 68 1.71 -15.08 5.62
C ALA A 68 0.34 -14.73 6.15
N CYS A 69 0.19 -13.50 6.65
CA CYS A 69 -1.09 -13.09 7.18
CA CYS A 69 -1.11 -13.10 7.13
C CYS A 69 -1.28 -11.61 6.96
N LEU A 70 -2.52 -11.21 6.65
CA LEU A 70 -2.85 -9.80 6.67
C LEU A 70 -2.59 -9.22 8.04
N THR A 71 -2.07 -8.00 8.07
CA THR A 71 -1.83 -7.33 9.33
C THR A 71 -2.69 -6.06 9.42
N GLY A 72 -3.70 -5.98 8.53
CA GLY A 72 -4.72 -4.95 8.53
C GLY A 72 -5.63 -5.22 7.34
N PRO A 73 -6.74 -4.49 7.21
CA PRO A 73 -7.70 -4.75 6.15
C PRO A 73 -7.16 -4.43 4.76
N VAL A 74 -7.71 -5.11 3.76
CA VAL A 74 -7.53 -4.72 2.39
C VAL A 74 -8.21 -3.38 2.16
N ARG A 75 -7.52 -2.46 1.50
CA ARG A 75 -8.09 -1.21 1.02
C ARG A 75 -8.35 -1.34 -0.47
N ALA A 76 -9.62 -1.37 -0.84
CA ALA A 76 -10.02 -1.60 -2.21
C ALA A 76 -10.46 -0.30 -2.83
N SER A 77 -10.48 -0.25 -4.17
CA SER A 77 -11.03 0.88 -4.95
C SER A 77 -12.27 0.45 -5.72
N HIS A 78 -12.84 1.40 -6.45
CA HIS A 78 -13.96 1.12 -7.40
C HIS A 78 -13.51 1.00 -8.84
N ASN A 79 -12.20 0.85 -9.04
CA ASN A 79 -11.66 0.61 -10.38
C ASN A 79 -10.81 -0.65 -10.44
N GLY A 80 -11.17 -1.62 -9.61
CA GLY A 80 -10.55 -2.95 -9.67
C GLY A 80 -9.14 -3.00 -9.10
N CYS A 81 -8.81 -2.07 -8.19
CA CYS A 81 -7.49 -2.05 -7.55
C CYS A 81 -7.58 -2.17 -6.05
N GLY A 82 -6.47 -2.51 -5.40
CA GLY A 82 -6.44 -2.53 -3.95
C GLY A 82 -5.02 -2.59 -3.42
N ALA A 83 -4.90 -2.37 -2.13
CA ALA A 83 -3.63 -2.37 -1.44
C ALA A 83 -3.85 -3.06 -0.09
N MET A 84 -2.84 -3.82 0.37
CA MET A 84 -3.01 -4.54 1.61
C MET A 84 -1.68 -4.66 2.34
N PRO A 85 -1.73 -4.58 3.68
CA PRO A 85 -0.54 -4.80 4.47
C PRO A 85 -0.47 -6.23 5.03
N PHE A 86 0.70 -6.84 5.03
CA PHE A 86 0.82 -8.21 5.52
C PHE A 86 2.23 -8.47 5.97
N ARG A 87 2.39 -9.60 6.65
CA ARG A 87 3.71 -9.99 7.13
CA ARG A 87 3.67 -10.01 7.19
C ARG A 87 3.96 -11.41 6.67
N VAL A 88 5.17 -11.63 6.15
CA VAL A 88 5.56 -12.95 5.67
C VAL A 88 6.61 -13.44 6.63
N GLU A 89 6.39 -14.62 7.22
CA GLU A 89 7.40 -15.24 8.07
CA GLU A 89 7.38 -15.25 8.07
C GLU A 89 8.03 -16.37 7.28
N MET A 90 9.34 -16.41 7.32
CA MET A 90 10.09 -17.38 6.56
CA MET A 90 10.08 -17.41 6.58
C MET A 90 11.32 -17.79 7.36
N VAL A 91 12.12 -18.67 6.78
CA VAL A 91 13.31 -19.12 7.47
C VAL A 91 14.47 -18.80 6.56
N TRP A 92 15.49 -18.18 7.11
CA TRP A 92 16.65 -17.82 6.31
C TRP A 92 17.91 -18.26 7.02
N ASN A 93 18.70 -19.09 6.34
CA ASN A 93 19.86 -19.73 6.96
C ASN A 93 19.54 -20.30 8.36
N GLY A 94 18.36 -20.90 8.50
CA GLY A 94 17.95 -21.50 9.77
C GLY A 94 17.51 -20.49 10.82
N GLN A 95 17.37 -19.23 10.40
CA GLN A 95 16.94 -18.13 11.29
C GLN A 95 15.48 -17.80 11.01
N PRO A 96 14.64 -17.67 12.06
CA PRO A 96 13.31 -17.21 11.66
C PRO A 96 13.34 -15.70 11.31
N CYS A 97 12.73 -15.30 10.19
CA CYS A 97 12.62 -13.88 9.97
CA CYS A 97 12.68 -13.91 9.76
C CYS A 97 11.25 -13.50 9.48
N ALA A 98 10.98 -12.20 9.57
CA ALA A 98 9.70 -11.67 9.15
C ALA A 98 9.93 -10.48 8.24
N LEU A 99 9.12 -10.40 7.18
CA LEU A 99 9.13 -9.28 6.26
C LEU A 99 7.76 -8.60 6.22
N ASP A 100 7.73 -7.28 6.49
CA ASP A 100 6.49 -6.51 6.38
C ASP A 100 6.38 -5.95 4.99
N VAL A 101 5.24 -6.20 4.35
CA VAL A 101 5.09 -5.82 2.95
C VAL A 101 3.72 -5.11 2.76
N ILE A 102 3.64 -4.22 1.75
CA ILE A 102 2.33 -3.79 1.22
C ILE A 102 2.27 -4.14 -0.26
N ASP A 103 1.25 -4.94 -0.66
CA ASP A 103 1.07 -5.17 -2.08
C ASP A 103 -0.01 -4.23 -2.58
N VAL A 104 0.24 -3.71 -3.77
CA VAL A 104 -0.76 -2.97 -4.54
C VAL A 104 -1.07 -3.82 -5.76
N MET A 105 -2.34 -4.13 -5.99
CA MET A 105 -2.76 -4.93 -7.16
C MET A 105 -3.76 -4.23 -8.03
N ARG A 106 -3.65 -4.47 -9.33
CA ARG A 106 -4.67 -4.05 -10.24
C ARG A 106 -5.18 -5.31 -10.93
N PHE A 107 -6.50 -5.52 -10.89
CA PHE A 107 -7.14 -6.64 -11.54
C PHE A 107 -7.70 -6.26 -12.89
N ASP A 108 -7.82 -7.25 -13.78
CA ASP A 108 -8.31 -6.98 -15.14
C ASP A 108 -9.80 -7.23 -15.15
N GLU A 109 -10.37 -7.08 -16.35
CA GLU A 109 -11.80 -7.18 -16.56
CA GLU A 109 -11.81 -7.18 -16.54
C GLU A 109 -12.30 -8.61 -16.42
N HIS A 110 -11.39 -9.56 -16.20
CA HIS A 110 -11.76 -10.95 -15.88
C HIS A 110 -11.51 -11.37 -14.45
N GLY A 111 -11.16 -10.43 -13.59
CA GLY A 111 -10.94 -10.76 -12.20
C GLY A 111 -9.58 -11.38 -11.92
N ARG A 112 -8.64 -11.22 -12.86
CA ARG A 112 -7.30 -11.76 -12.59
CA ARG A 112 -7.27 -11.74 -12.70
C ARG A 112 -6.31 -10.62 -12.36
N ILE A 113 -5.26 -10.93 -11.61
CA ILE A 113 -4.28 -9.88 -11.30
C ILE A 113 -3.49 -9.51 -12.54
N GLN A 114 -3.55 -8.24 -12.94
CA GLN A 114 -2.82 -7.74 -14.08
C GLN A 114 -1.44 -7.22 -13.66
N THR A 115 -1.42 -6.54 -12.52
CA THR A 115 -0.17 -6.04 -11.95
C THR A 115 -0.15 -6.24 -10.44
N MET A 116 1.02 -6.62 -9.97
CA MET A 116 1.28 -6.64 -8.54
C MET A 116 2.56 -5.85 -8.27
N GLN A 117 2.51 -5.01 -7.24
CA GLN A 117 3.68 -4.25 -6.81
C GLN A 117 3.84 -4.45 -5.33
N ALA A 118 5.02 -4.93 -4.90
CA ALA A 118 5.23 -5.27 -3.48
C ALA A 118 6.18 -4.21 -2.91
N TYR A 119 5.63 -3.34 -2.08
CA TYR A 119 6.46 -2.33 -1.42
C TYR A 119 7.07 -2.91 -0.15
N TRP A 120 8.40 -2.82 -0.09
CA TRP A 120 9.19 -3.18 1.09
C TRP A 120 10.63 -2.86 0.76
N SER A 121 11.44 -2.70 1.80
CA SER A 121 12.89 -2.70 1.58
C SER A 121 13.52 -3.41 2.79
N GLU A 122 14.85 -3.37 2.88
CA GLU A 122 15.57 -4.10 3.93
CA GLU A 122 15.51 -4.16 3.88
C GLU A 122 15.15 -3.69 5.33
N VAL A 123 14.69 -2.43 5.46
CA VAL A 123 14.23 -1.87 6.73
C VAL A 123 12.97 -2.60 7.24
N ASN A 124 12.31 -3.36 6.37
CA ASN A 124 11.10 -4.09 6.74
C ASN A 124 11.36 -5.56 7.09
N LEU A 125 12.62 -5.96 7.06
CA LEU A 125 13.03 -7.31 7.40
C LEU A 125 13.48 -7.34 8.85
N SER A 126 13.02 -8.36 9.57
CA SER A 126 13.47 -8.57 10.94
CA SER A 126 13.50 -8.55 10.93
C SER A 126 14.03 -9.98 11.07
N VAL A 127 15.31 -10.10 11.42
CA VAL A 127 15.93 -11.41 11.56
C VAL A 127 15.86 -11.91 13.00
N MET B 1 17.21 18.35 0.70
CA MET B 1 17.14 16.90 0.38
C MET B 1 17.30 16.63 -1.11
N ASN B 2 17.87 15.49 -1.46
CA ASN B 2 17.88 14.96 -2.83
C ASN B 2 16.80 13.86 -2.87
N LEU B 3 16.81 12.94 -3.82
CA LEU B 3 15.78 11.87 -3.78
C LEU B 3 15.90 11.18 -2.43
N PRO B 4 14.83 11.06 -1.66
CA PRO B 4 15.06 10.46 -0.32
C PRO B 4 15.46 8.98 -0.42
N THR B 5 16.33 8.59 0.50
CA THR B 5 16.68 7.18 0.65
C THR B 5 15.50 6.44 1.28
N ALA B 6 15.57 5.12 1.31
CA ALA B 6 14.51 4.34 1.96
C ALA B 6 14.25 4.83 3.39
N GLN B 7 15.35 5.06 4.08
CA GLN B 7 15.26 5.51 5.45
CA GLN B 7 15.30 5.51 5.45
C GLN B 7 14.61 6.89 5.53
N GLU B 8 14.96 7.76 4.59
CA GLU B 8 14.40 9.12 4.59
C GLU B 8 12.91 9.08 4.25
N VAL B 9 12.53 8.21 3.31
CA VAL B 9 11.11 7.99 3.00
C VAL B 9 10.33 7.57 4.25
N GLN B 10 10.85 6.63 5.03
CA GLN B 10 10.16 6.22 6.25
CA GLN B 10 10.19 6.21 6.26
C GLN B 10 9.96 7.43 7.15
N GLY B 11 10.99 8.26 7.30
CA GLY B 11 10.86 9.42 8.17
C GLY B 11 9.84 10.43 7.64
N LEU B 12 9.90 10.73 6.34
CA LEU B 12 8.95 11.68 5.74
C LEU B 12 7.48 11.24 5.86
N MET B 13 7.25 9.96 5.57
CA MET B 13 5.89 9.44 5.61
C MET B 13 5.32 9.38 7.01
N ALA B 14 6.18 9.04 7.98
CA ALA B 14 5.76 9.08 9.37
C ALA B 14 5.45 10.54 9.82
N ARG B 15 6.28 11.49 9.39
CA ARG B 15 6.12 12.93 9.62
CA ARG B 15 6.03 12.89 9.75
C ARG B 15 4.76 13.36 9.11
N TYR B 16 4.49 12.98 7.86
CA TYR B 16 3.21 13.31 7.24
C TYR B 16 2.03 12.90 8.15
N ILE B 17 2.04 11.65 8.63
CA ILE B 17 0.97 11.19 9.51
C ILE B 17 0.90 12.03 10.80
N GLU B 18 2.06 12.37 11.39
CA GLU B 18 2.10 13.26 12.56
CA GLU B 18 2.04 13.23 12.58
C GLU B 18 1.39 14.57 12.25
N LEU B 19 1.65 15.11 11.06
CA LEU B 19 1.07 16.41 10.65
C LEU B 19 -0.43 16.31 10.43
N VAL B 20 -0.87 15.18 9.86
CA VAL B 20 -2.30 14.97 9.71
C VAL B 20 -2.93 14.86 11.09
N ASP B 21 -2.31 14.10 12.01
CA ASP B 21 -2.85 13.91 13.34
C ASP B 21 -3.07 15.24 14.07
N VAL B 22 -2.10 16.14 14.00
CA VAL B 22 -2.25 17.41 14.70
C VAL B 22 -3.10 18.39 13.92
N GLY B 23 -3.15 18.21 12.59
CA GLY B 23 -4.02 19.04 11.78
C GLY B 23 -3.38 20.34 11.33
N ASP B 24 -2.07 20.30 11.10
CA ASP B 24 -1.33 21.46 10.62
C ASP B 24 -1.35 21.51 9.09
N ILE B 25 -2.46 22.06 8.56
CA ILE B 25 -2.67 22.12 7.12
C ILE B 25 -1.51 22.74 6.37
N GLU B 26 -1.03 23.86 6.86
CA GLU B 26 0.03 24.53 6.12
C GLU B 26 1.33 23.70 6.09
N ALA B 27 1.63 23.03 7.21
CA ALA B 27 2.81 22.17 7.29
C ALA B 27 2.64 20.96 6.32
N ILE B 28 1.43 20.41 6.23
CA ILE B 28 1.16 19.28 5.32
C ILE B 28 1.39 19.73 3.87
N VAL B 29 0.81 20.89 3.53
CA VAL B 29 0.89 21.36 2.15
C VAL B 29 2.36 21.61 1.73
N GLN B 30 3.17 22.10 2.66
CA GLN B 30 4.57 22.34 2.34
CA GLN B 30 4.58 22.32 2.44
C GLN B 30 5.34 21.05 2.13
N MET B 31 4.82 19.90 2.60
CA MET B 31 5.49 18.63 2.29
C MET B 31 5.32 18.26 0.84
N TYR B 32 4.31 18.82 0.20
CA TYR B 32 4.05 18.51 -1.22
C TYR B 32 4.86 19.37 -2.18
N ALA B 33 5.19 18.81 -3.34
CA ALA B 33 5.77 19.58 -4.43
C ALA B 33 4.75 20.64 -4.86
N ASP B 34 5.21 21.75 -5.44
CA ASP B 34 4.27 22.85 -5.71
C ASP B 34 3.17 22.43 -6.70
N ASP B 35 3.54 21.50 -7.58
CA ASP B 35 2.71 20.99 -8.66
C ASP B 35 2.26 19.51 -8.43
N ALA B 36 2.27 19.03 -7.16
CA ALA B 36 1.95 17.64 -6.80
C ALA B 36 0.52 17.27 -7.20
N THR B 37 0.28 15.96 -7.28
CA THR B 37 -1.06 15.49 -7.36
C THR B 37 -1.44 14.60 -6.19
N VAL B 38 -2.73 14.62 -5.89
CA VAL B 38 -3.36 13.75 -4.90
C VAL B 38 -4.55 13.04 -5.56
N GLU B 39 -4.59 11.71 -5.38
CA GLU B 39 -5.75 10.94 -5.82
C GLU B 39 -6.37 10.32 -4.57
N ASN B 40 -7.54 10.85 -4.17
CA ASN B 40 -8.22 10.42 -2.96
C ASN B 40 -9.72 10.30 -3.15
N PRO B 41 -10.29 9.09 -3.02
CA PRO B 41 -9.57 7.81 -2.96
C PRO B 41 -8.97 7.49 -4.33
N PHE B 42 -7.98 6.58 -4.35
CA PHE B 42 -7.48 6.08 -5.62
C PHE B 42 -8.68 5.57 -6.44
N GLY B 43 -8.71 5.94 -7.71
CA GLY B 43 -9.85 5.68 -8.59
C GLY B 43 -10.60 6.95 -8.96
N GLN B 44 -10.44 8.00 -8.16
CA GLN B 44 -11.02 9.33 -8.48
CA GLN B 44 -11.05 9.28 -8.56
C GLN B 44 -10.01 10.21 -9.22
N PRO B 45 -10.47 11.26 -9.93
CA PRO B 45 -9.48 12.05 -10.68
C PRO B 45 -8.51 12.77 -9.74
N PRO B 46 -7.24 12.96 -10.16
CA PRO B 46 -6.34 13.70 -9.31
C PRO B 46 -6.74 15.16 -9.14
N ILE B 47 -6.35 15.69 -7.99
CA ILE B 47 -6.26 17.12 -7.83
C ILE B 47 -4.80 17.55 -8.02
N HIS B 48 -4.60 18.79 -8.42
CA HIS B 48 -3.33 19.31 -8.91
CA HIS B 48 -3.29 19.24 -8.81
C HIS B 48 -2.90 20.57 -8.22
N GLY B 49 -1.71 20.57 -7.63
CA GLY B 49 -1.12 21.81 -7.17
C GLY B 49 -1.41 22.12 -5.70
N ARG B 50 -0.54 22.90 -5.07
CA ARG B 50 -0.70 23.14 -3.62
CA ARG B 50 -0.70 23.17 -3.64
C ARG B 50 -2.01 23.85 -3.25
N GLU B 51 -2.53 24.72 -4.10
CA GLU B 51 -3.79 25.39 -3.69
C GLU B 51 -4.93 24.36 -3.57
N GLN B 52 -5.08 23.51 -4.59
CA GLN B 52 -6.14 22.49 -4.54
C GLN B 52 -5.85 21.50 -3.43
N ILE B 53 -4.58 21.16 -3.21
CA ILE B 53 -4.25 20.24 -2.10
C ILE B 53 -4.55 20.85 -0.73
N ALA B 54 -4.23 22.13 -0.55
CA ALA B 54 -4.56 22.79 0.71
C ALA B 54 -6.08 22.77 0.92
N ALA B 55 -6.84 23.01 -0.15
CA ALA B 55 -8.30 23.04 0.01
C ALA B 55 -8.78 21.64 0.46
N PHE B 56 -8.18 20.59 -0.10
CA PHE B 56 -8.47 19.22 0.29
C PHE B 56 -8.26 18.98 1.79
N TYR B 57 -7.05 19.34 2.27
CA TYR B 57 -6.75 19.16 3.67
C TYR B 57 -7.62 20.03 4.59
N ARG B 58 -7.97 21.25 4.17
CA ARG B 58 -8.81 22.17 4.94
CA ARG B 58 -8.79 22.11 5.03
C ARG B 58 -10.20 21.55 5.09
N GLN B 59 -10.70 20.97 4.00
CA GLN B 59 -12.02 20.33 3.98
CA GLN B 59 -12.04 20.38 4.02
C GLN B 59 -12.10 19.23 5.01
N GLY B 60 -11.06 18.40 5.04
CA GLY B 60 -11.02 17.26 5.97
C GLY B 60 -10.56 17.56 7.41
N LEU B 61 -9.59 18.46 7.56
CA LEU B 61 -8.91 18.68 8.85
C LEU B 61 -9.17 20.03 9.48
N GLY B 62 -9.95 20.81 8.78
CA GLY B 62 -10.23 22.12 9.25
C GLY B 62 -11.06 22.22 10.49
N GLY B 63 -12.14 21.49 10.57
CA GLY B 63 -13.02 21.75 11.68
C GLY B 63 -12.73 20.95 12.92
N GLY B 64 -13.55 19.95 13.10
CA GLY B 64 -13.46 19.12 14.27
C GLY B 64 -12.20 18.29 14.34
N LYS B 65 -12.03 17.69 15.49
CA LYS B 65 -10.91 16.93 15.82
C LYS B 65 -10.80 15.70 14.94
N VAL B 66 -9.59 15.57 14.46
CA VAL B 66 -9.21 14.41 13.64
C VAL B 66 -7.98 13.81 14.29
N ARG B 67 -7.93 12.49 14.38
CA ARG B 67 -6.72 11.82 14.83
C ARG B 67 -6.28 10.92 13.68
N ALA B 68 -4.99 10.72 13.59
CA ALA B 68 -4.44 9.78 12.61
C ALA B 68 -3.22 9.10 13.16
N CYS B 69 -3.10 7.81 12.87
CA CYS B 69 -2.00 7.03 13.39
CA CYS B 69 -1.96 7.07 13.37
C CYS B 69 -1.58 5.91 12.45
N LEU B 70 -0.27 5.69 12.29
CA LEU B 70 0.16 4.49 11.54
C LEU B 70 -0.35 3.25 12.25
N THR B 71 -0.79 2.27 11.47
CA THR B 71 -1.25 1.00 12.02
C THR B 71 -0.30 -0.14 11.59
N GLY B 72 0.88 0.25 11.12
CA GLY B 72 1.96 -0.68 10.77
C GLY B 72 3.09 0.14 10.21
N PRO B 73 4.22 -0.50 9.92
CA PRO B 73 5.38 0.24 9.50
C PRO B 73 5.25 0.80 8.07
N VAL B 74 5.95 1.89 7.82
CA VAL B 74 6.10 2.38 6.48
C VAL B 74 6.92 1.36 5.67
N ARG B 75 6.46 1.05 4.47
CA ARG B 75 7.23 0.22 3.51
C ARG B 75 7.86 1.11 2.46
N ALA B 76 9.16 1.32 2.55
CA ALA B 76 9.81 2.23 1.59
C ALA B 76 10.49 1.47 0.44
N SER B 77 10.76 2.16 -0.66
CA SER B 77 11.59 1.67 -1.83
C SER B 77 12.92 2.41 -1.92
N HIS B 78 13.75 1.98 -2.88
CA HIS B 78 15.02 2.62 -3.20
C HIS B 78 14.93 3.54 -4.40
N ASN B 79 13.71 3.97 -4.71
CA ASN B 79 13.47 4.93 -5.78
C ASN B 79 12.56 6.07 -5.32
N GLY B 80 12.66 6.42 -4.03
CA GLY B 80 11.94 7.57 -3.50
C GLY B 80 10.45 7.36 -3.30
N CYS B 81 10.02 6.10 -3.18
CA CYS B 81 8.59 5.76 -3.02
C CYS B 81 8.34 5.00 -1.73
N GLY B 82 7.10 5.00 -1.28
CA GLY B 82 6.74 4.18 -0.12
C GLY B 82 5.24 4.02 -0.03
N ALA B 83 4.84 3.13 0.86
CA ALA B 83 3.43 2.86 1.15
C ALA B 83 3.27 2.69 2.62
N MET B 84 2.13 3.11 3.16
CA MET B 84 1.94 2.99 4.60
C MET B 84 0.48 2.78 4.95
N PRO B 85 0.20 1.98 6.02
CA PRO B 85 -1.18 1.75 6.49
C PRO B 85 -1.45 2.64 7.69
N PHE B 86 -2.60 3.28 7.73
CA PHE B 86 -2.94 4.10 8.86
C PHE B 86 -4.43 4.13 9.08
N ARG B 87 -4.82 4.72 10.20
CA ARG B 87 -6.24 4.88 10.50
CA ARG B 87 -6.22 4.86 10.58
C ARG B 87 -6.51 6.32 10.87
N VAL B 88 -7.58 6.86 10.29
CA VAL B 88 -8.02 8.24 10.58
C VAL B 88 -9.29 8.14 11.43
N GLU B 89 -9.34 8.85 12.55
CA GLU B 89 -10.55 8.88 13.35
C GLU B 89 -11.16 10.26 13.29
N MET B 90 -12.46 10.32 13.03
CA MET B 90 -13.11 11.62 12.88
CA MET B 90 -13.10 11.61 12.89
C MET B 90 -14.52 11.57 13.41
N VAL B 91 -15.06 12.75 13.61
CA VAL B 91 -16.41 12.86 14.06
C VAL B 91 -17.18 13.21 12.80
N TRP B 92 -18.23 12.44 12.56
CA TRP B 92 -19.07 12.68 11.42
C TRP B 92 -20.50 12.69 11.85
N ASN B 93 -21.07 13.89 11.93
CA ASN B 93 -22.42 14.10 12.46
C ASN B 93 -22.54 13.80 13.95
N GLY B 94 -21.50 14.18 14.71
CA GLY B 94 -21.44 13.85 16.14
C GLY B 94 -21.12 12.39 16.32
N GLN B 95 -20.88 11.70 15.21
CA GLN B 95 -20.63 10.25 15.17
C GLN B 95 -19.17 9.94 14.93
N PRO B 96 -18.51 9.34 15.95
CA PRO B 96 -17.12 8.92 15.80
C PRO B 96 -16.95 7.73 14.84
N CYS B 97 -16.31 7.98 13.72
CA CYS B 97 -16.04 6.97 12.70
CA CYS B 97 -16.01 6.88 12.82
C CYS B 97 -14.52 6.74 12.64
N ALA B 98 -14.11 5.67 11.99
CA ALA B 98 -12.70 5.49 11.65
C ALA B 98 -12.59 5.07 10.20
N LEU B 99 -11.51 5.48 9.54
CA LEU B 99 -11.28 5.08 8.15
C LEU B 99 -9.90 4.48 8.08
N ASP B 100 -9.81 3.25 7.57
CA ASP B 100 -8.51 2.61 7.33
C ASP B 100 -8.05 2.89 5.90
N VAL B 101 -6.80 3.37 5.76
CA VAL B 101 -6.28 3.88 4.47
C VAL B 101 -4.87 3.33 4.27
N ILE B 102 -4.48 3.14 3.01
CA ILE B 102 -3.06 2.98 2.70
C ILE B 102 -2.72 4.10 1.73
N ASP B 103 -1.69 4.91 2.07
CA ASP B 103 -1.20 5.88 1.09
C ASP B 103 0.02 5.36 0.38
N VAL B 104 0.11 5.60 -0.94
CA VAL B 104 1.30 5.34 -1.69
C VAL B 104 1.82 6.71 -2.11
N MET B 105 3.10 6.99 -1.85
CA MET B 105 3.69 8.26 -2.21
C MET B 105 4.93 8.09 -3.05
N ARG B 106 5.14 9.04 -3.94
CA ARG B 106 6.41 9.15 -4.65
C ARG B 106 6.95 10.54 -4.37
N PHE B 107 8.21 10.58 -3.96
CA PHE B 107 8.88 11.83 -3.63
C PHE B 107 9.77 12.26 -4.79
N ASP B 108 9.99 13.57 -4.90
CA ASP B 108 10.80 14.12 -5.99
C ASP B 108 12.22 14.24 -5.54
N GLU B 109 13.04 14.76 -6.47
CA GLU B 109 14.48 14.82 -6.31
CA GLU B 109 14.48 14.84 -6.32
C GLU B 109 14.89 15.91 -5.31
N HIS B 110 13.88 16.52 -4.69
CA HIS B 110 14.03 17.47 -3.57
C HIS B 110 13.40 17.03 -2.26
N GLY B 111 12.84 15.83 -2.19
CA GLY B 111 12.29 15.35 -0.90
C GLY B 111 10.85 15.79 -0.61
N ARG B 112 10.18 16.29 -1.65
CA ARG B 112 8.77 16.66 -1.51
C ARG B 112 7.87 15.64 -2.18
N ILE B 113 6.64 15.53 -1.69
CA ILE B 113 5.70 14.55 -2.25
C ILE B 113 5.29 15.00 -3.65
N GLN B 114 5.60 14.19 -4.67
CA GLN B 114 5.18 14.47 -6.03
C GLN B 114 3.78 13.88 -6.33
N THR B 115 3.55 12.65 -5.87
CA THR B 115 2.22 12.05 -6.02
C THR B 115 1.82 11.36 -4.74
N MET B 116 0.55 11.50 -4.37
CA MET B 116 -0.01 10.74 -3.28
C MET B 116 -1.26 10.05 -3.82
N GLN B 117 -1.39 8.77 -3.47
CA GLN B 117 -2.58 7.96 -3.84
C GLN B 117 -3.10 7.32 -2.57
N ALA B 118 -4.34 7.60 -2.24
CA ALA B 118 -4.93 7.09 -1.00
C ALA B 118 -5.89 5.94 -1.29
N TYR B 119 -5.50 4.72 -0.96
CA TYR B 119 -6.36 3.56 -1.23
C TYR B 119 -7.31 3.39 -0.11
N TRP B 120 -8.61 3.42 -0.39
CA TRP B 120 -9.64 3.06 0.60
C TRP B 120 -10.95 3.14 -0.15
N SER B 121 -11.98 2.48 0.38
CA SER B 121 -13.33 2.67 -0.15
C SER B 121 -14.27 2.65 1.07
N GLU B 122 -15.58 2.69 0.82
CA GLU B 122 -16.53 2.87 1.89
CA GLU B 122 -16.57 2.82 1.89
C GLU B 122 -16.49 1.67 2.89
N VAL B 123 -16.06 0.49 2.39
CA VAL B 123 -15.90 -0.74 3.19
C VAL B 123 -14.85 -0.55 4.29
N ASN B 124 -14.01 0.46 4.14
CA ASN B 124 -12.95 0.76 5.10
C ASN B 124 -13.39 1.77 6.17
N LEU B 125 -14.63 2.24 6.08
CA LEU B 125 -15.19 3.16 7.06
C LEU B 125 -15.87 2.33 8.12
N SER B 126 -15.70 2.69 9.38
CA SER B 126 -16.44 2.04 10.46
C SER B 126 -17.01 3.09 11.42
N VAL B 127 -18.24 2.87 11.89
CA VAL B 127 -18.90 3.86 12.74
C VAL B 127 -18.66 3.56 14.22
F FNN C . 5.98 -13.55 -0.11
N FNN C . 7.97 -11.55 -0.43
O FNN C . 2.95 -10.82 -2.40
C1 FNN C . 4.17 -11.04 -1.94
O1 FNN C . 9.01 -10.77 -0.94
C2 FNN C . 4.44 -12.22 -1.28
O2 FNN C . 8.23 -12.44 0.55
C3 FNN C . 5.72 -12.39 -0.75
C4 FNN C . 6.71 -11.41 -0.91
C5 FNN C . 6.41 -10.23 -1.56
C6 FNN C . 5.14 -10.03 -2.06
F FNN D . -6.90 12.13 6.22
N FNN D . -8.65 10.75 4.53
O FNN D . -3.36 10.87 3.53
C1 FNN D . -4.66 10.89 3.75
O1 FNN D . -9.51 10.48 3.43
C2 FNN D . -5.10 11.55 4.88
O2 FNN D . -9.17 10.90 5.85
C3 FNN D . -6.45 11.50 5.14
C4 FNN D . -7.33 10.81 4.30
C5 FNN D . -6.89 10.14 3.18
C6 FNN D . -5.55 10.15 2.94
#